data_4WNO
#
_entry.id   4WNO
#
_cell.length_a   66.780
_cell.length_b   66.780
_cell.length_c   116.230
_cell.angle_alpha   90.00
_cell.angle_beta   90.00
_cell.angle_gamma   90.00
#
_symmetry.space_group_name_H-M   'P 42 21 2'
#
loop_
_entity.id
_entity.type
_entity.pdbx_description
1 polymer 'Serine/threonine-protein kinase ULK1'
2 non-polymer N~2~-(4-aminophenyl)-N~4~-(5-cyclopropyl-1H-pyrazol-3-yl)quinazoline-2,4-diamine
3 water water
#
_entity_poly.entity_id   1
_entity_poly.type   'polypeptide(L)'
_entity_poly.pdbx_seq_one_letter_code
;GGGSMEPGRGGTETVGKFEFSRKDLIGHGAFAVVFKGRHRAAHDLEVAVKCINKKNLAKSQTLLGKEIKILKELKHENIV
ALYDFQEMANSVYLVMEYCNGGDLADYLHAMRTLSEDTIRLFLQQIAGAMRLLHSKGIIHRDLKPQNILLSNPAGRRANP
NSIRVKIADFGFARYLQSNMMAA(TPO)LCGSPMYMAPEVIMSQHYDGKADLWSIGTIVYQCLTGKAPFQASSPQDLRLF
YEKNKTLVPTIPRETSAPLRQLLLALLQRNHKDRMDFDEFFHHPFLDASPS
;
_entity_poly.pdbx_strand_id   A
#
loop_
_chem_comp.id
_chem_comp.type
_chem_comp.name
_chem_comp.formula
3RF non-polymer N~2~-(4-aminophenyl)-N~4~-(5-cyclopropyl-1H-pyrazol-3-yl)quinazoline-2,4-diamine 'C20 H19 N7'
#
# COMPACT_ATOMS: atom_id res chain seq x y z
N THR A 12 -16.10 25.59 6.92
CA THR A 12 -15.61 25.17 5.61
C THR A 12 -14.19 25.64 5.35
N GLU A 13 -13.34 24.70 4.96
CA GLU A 13 -11.94 25.02 4.69
C GLU A 13 -11.64 24.85 3.20
N THR A 14 -10.77 25.70 2.68
CA THR A 14 -10.46 25.67 1.27
C THR A 14 -8.98 25.46 1.06
N VAL A 15 -8.67 24.70 0.01
CA VAL A 15 -7.30 24.48 -0.44
C VAL A 15 -7.31 24.59 -1.95
N GLY A 16 -6.80 25.70 -2.47
CA GLY A 16 -6.85 25.90 -3.91
C GLY A 16 -8.29 25.90 -4.40
N LYS A 17 -8.53 25.10 -5.43
CA LYS A 17 -9.84 25.02 -6.06
C LYS A 17 -10.74 24.01 -5.35
N PHE A 18 -10.30 23.52 -4.19
CA PHE A 18 -11.06 22.50 -3.46
C PHE A 18 -11.52 22.97 -2.08
N GLU A 19 -12.54 22.32 -1.55
CA GLU A 19 -13.05 22.64 -0.22
C GLU A 19 -13.39 21.36 0.54
N PHE A 20 -13.44 21.49 1.85
CA PHE A 20 -13.73 20.36 2.73
C PHE A 20 -14.05 20.87 4.12
N SER A 21 -14.44 19.95 4.99
CA SER A 21 -14.74 20.27 6.38
C SER A 21 -14.53 19.02 7.22
N ARG A 22 -14.48 19.21 8.53
CA ARG A 22 -14.33 18.08 9.43
C ARG A 22 -15.63 17.30 9.57
N LYS A 23 -16.61 17.59 8.71
CA LYS A 23 -17.92 16.94 8.80
C LYS A 23 -17.86 15.46 8.43
N ASP A 24 -17.18 15.14 7.33
CA ASP A 24 -17.14 13.77 6.85
C ASP A 24 -15.75 13.18 6.97
N LEU A 25 -15.52 12.49 8.07
CA LEU A 25 -14.26 11.81 8.34
C LEU A 25 -14.16 10.52 7.54
N ILE A 26 -13.19 10.46 6.64
CA ILE A 26 -12.93 9.24 5.89
C ILE A 26 -12.12 8.28 6.73
N GLY A 27 -11.14 8.82 7.43
CA GLY A 27 -10.29 8.01 8.27
C GLY A 27 -9.48 8.83 9.25
N HIS A 28 -9.29 8.27 10.43
CA HIS A 28 -8.48 8.89 11.47
C HIS A 28 -7.26 8.03 11.72
N GLY A 29 -6.07 8.60 11.54
CA GLY A 29 -4.84 7.88 11.79
C GLY A 29 -3.94 8.67 12.72
N ALA A 30 -2.93 8.02 13.29
CA ALA A 30 -2.00 8.70 14.19
C ALA A 30 -1.28 9.85 13.51
N PHE A 31 -1.05 9.74 12.21
CA PHE A 31 -0.19 10.69 11.51
C PHE A 31 -0.88 11.41 10.36
N ALA A 32 -2.18 11.17 10.23
CA ALA A 32 -3.00 11.94 9.29
C ALA A 32 -4.47 11.75 9.58
N VAL A 33 -5.24 12.81 9.40
N VAL A 33 -5.25 12.81 9.41
CA VAL A 33 -6.69 12.73 9.44
CA VAL A 33 -6.70 12.69 9.44
C VAL A 33 -7.23 13.07 8.05
C VAL A 33 -7.24 13.07 8.07
N VAL A 34 -8.13 12.25 7.55
CA VAL A 34 -8.57 12.39 6.16
C VAL A 34 -10.05 12.71 6.08
N PHE A 35 -10.39 13.82 5.42
CA PHE A 35 -11.77 14.27 5.29
C PHE A 35 -12.20 14.25 3.84
N LYS A 36 -13.47 13.97 3.60
CA LYS A 36 -13.98 14.06 2.24
C LYS A 36 -14.25 15.51 1.88
N GLY A 37 -13.91 15.88 0.65
CA GLY A 37 -14.16 17.22 0.15
C GLY A 37 -14.62 17.19 -1.30
N ARG A 38 -14.59 18.35 -1.94
CA ARG A 38 -15.03 18.46 -3.32
C ARG A 38 -14.37 19.63 -4.02
N HIS A 39 -14.40 19.59 -5.34
CA HIS A 39 -14.03 20.74 -6.16
C HIS A 39 -15.04 21.86 -5.94
N ARG A 40 -14.56 23.09 -5.76
CA ARG A 40 -15.42 24.23 -5.39
C ARG A 40 -16.35 24.63 -6.53
N ALA A 41 -15.96 24.29 -7.75
CA ALA A 41 -16.75 24.63 -8.93
C ALA A 41 -17.53 23.42 -9.46
N ALA A 42 -16.85 22.29 -9.57
CA ALA A 42 -17.48 21.05 -9.99
C ALA A 42 -17.76 20.18 -8.76
N HIS A 43 -18.90 20.41 -8.13
CA HIS A 43 -19.22 19.77 -6.85
C HIS A 43 -19.23 18.25 -6.90
N ASP A 44 -19.48 17.68 -8.07
CA ASP A 44 -19.56 16.23 -8.20
C ASP A 44 -18.18 15.58 -8.22
N LEU A 45 -17.14 16.40 -8.35
CA LEU A 45 -15.78 15.89 -8.24
C LEU A 45 -15.40 15.75 -6.78
N GLU A 46 -15.41 14.52 -6.28
CA GLU A 46 -15.05 14.26 -4.90
C GLU A 46 -13.54 14.17 -4.71
N VAL A 47 -13.08 14.58 -3.53
CA VAL A 47 -11.68 14.41 -3.14
C VAL A 47 -11.56 13.92 -1.71
N ALA A 48 -10.38 13.41 -1.37
CA ALA A 48 -10.03 13.10 0.02
C ALA A 48 -8.92 14.05 0.42
N VAL A 49 -9.09 14.76 1.53
CA VAL A 49 -8.08 15.72 1.94
C VAL A 49 -7.38 15.20 3.18
N LYS A 50 -6.08 14.95 3.06
CA LYS A 50 -5.26 14.52 4.19
C LYS A 50 -4.75 15.75 4.93
N CYS A 51 -4.85 15.71 6.25
CA CYS A 51 -4.47 16.82 7.12
C CYS A 51 -3.57 16.33 8.23
N ILE A 52 -2.81 17.24 8.83
N ILE A 52 -2.80 17.24 8.83
CA ILE A 52 -1.99 16.92 9.99
CA ILE A 52 -1.98 16.89 9.99
C ILE A 52 -2.82 16.36 11.14
C ILE A 52 -2.81 16.35 11.13
N ASN A 53 -2.28 15.36 11.84
CA ASN A 53 -2.84 15.00 13.14
C ASN A 53 -2.03 15.80 14.15
N LYS A 54 -2.70 16.75 14.82
CA LYS A 54 -1.97 17.67 15.70
C LYS A 54 -1.52 17.02 17.01
N LYS A 55 -2.03 15.83 17.30
CA LYS A 55 -1.58 15.09 18.48
C LYS A 55 -0.17 14.52 18.26
N ASN A 56 0.22 14.39 16.99
CA ASN A 56 1.56 13.94 16.62
C ASN A 56 2.15 14.89 15.59
N LEU A 57 2.13 16.17 15.95
CA LEU A 57 2.41 17.25 15.02
C LEU A 57 3.68 17.10 14.20
N ALA A 58 4.81 16.94 14.87
CA ALA A 58 6.10 16.86 14.18
C ALA A 58 6.15 15.71 13.18
N LYS A 59 5.82 14.50 13.62
CA LYS A 59 5.91 13.35 12.74
C LYS A 59 4.85 13.41 11.63
N SER A 60 3.64 13.83 11.97
CA SER A 60 2.58 13.99 10.97
C SER A 60 3.03 14.95 9.87
N GLN A 61 3.55 16.10 10.28
CA GLN A 61 4.02 17.10 9.34
C GLN A 61 5.14 16.53 8.45
N THR A 62 6.05 15.78 9.05
CA THR A 62 7.15 15.16 8.32
C THR A 62 6.64 14.16 7.29
N LEU A 63 5.73 13.28 7.70
CA LEU A 63 5.25 12.21 6.82
C LEU A 63 4.41 12.78 5.67
N LEU A 64 3.62 13.81 5.95
CA LEU A 64 2.78 14.38 4.89
C LEU A 64 3.65 15.12 3.89
N GLY A 65 4.69 15.79 4.39
CA GLY A 65 5.65 16.45 3.51
C GLY A 65 6.37 15.45 2.63
N LYS A 66 6.77 14.31 3.21
CA LYS A 66 7.45 13.28 2.44
C LYS A 66 6.53 12.73 1.36
N GLU A 67 5.27 12.54 1.72
CA GLU A 67 4.31 11.99 0.77
C GLU A 67 4.10 12.93 -0.43
N ILE A 68 4.03 14.23 -0.17
CA ILE A 68 3.94 15.20 -1.26
C ILE A 68 5.15 15.07 -2.20
N LYS A 69 6.35 14.99 -1.63
CA LYS A 69 7.58 14.93 -2.42
C LYS A 69 7.60 13.73 -3.35
N ILE A 70 7.07 12.60 -2.88
CA ILE A 70 7.03 11.37 -3.67
C ILE A 70 5.86 11.38 -4.67
N LEU A 71 4.65 11.71 -4.22
CA LEU A 71 3.46 11.62 -5.07
C LEU A 71 3.40 12.65 -6.17
N LYS A 72 4.03 13.81 -5.97
CA LYS A 72 4.02 14.83 -7.01
C LYS A 72 4.78 14.30 -8.24
N GLU A 73 5.50 13.19 -8.06
CA GLU A 73 6.28 12.58 -9.14
C GLU A 73 5.68 11.27 -9.69
N LEU A 74 4.51 10.88 -9.22
CA LEU A 74 3.92 9.55 -9.51
C LEU A 74 2.49 9.58 -10.05
N LYS A 75 2.35 9.64 -11.37
CA LYS A 75 1.04 9.65 -11.99
C LYS A 75 0.74 8.29 -12.61
N HIS A 76 -0.31 7.62 -12.11
CA HIS A 76 -0.63 6.26 -12.55
C HIS A 76 -2.05 5.94 -12.13
N GLU A 77 -2.78 5.17 -12.94
CA GLU A 77 -4.12 4.81 -12.52
C GLU A 77 -4.11 4.14 -11.14
N ASN A 78 -3.12 3.30 -10.86
CA ASN A 78 -3.18 2.42 -9.71
C ASN A 78 -2.35 2.97 -8.54
N ILE A 79 -2.18 4.29 -8.56
CA ILE A 79 -1.64 5.05 -7.42
C ILE A 79 -2.62 6.20 -7.15
N VAL A 80 -3.11 6.32 -5.92
CA VAL A 80 -4.05 7.39 -5.61
C VAL A 80 -3.43 8.73 -5.97
N ALA A 81 -4.14 9.50 -6.80
CA ALA A 81 -3.59 10.71 -7.38
C ALA A 81 -3.54 11.88 -6.41
N LEU A 82 -2.49 12.68 -6.54
CA LEU A 82 -2.37 13.94 -5.80
C LEU A 82 -2.80 15.10 -6.71
N TYR A 83 -4.00 15.64 -6.47
CA TYR A 83 -4.53 16.71 -7.31
C TYR A 83 -3.86 18.03 -7.00
N ASP A 84 -3.66 18.31 -5.72
CA ASP A 84 -2.99 19.54 -5.30
C ASP A 84 -2.56 19.31 -3.87
N PHE A 85 -1.86 20.28 -3.32
CA PHE A 85 -1.37 20.17 -1.96
C PHE A 85 -1.10 21.58 -1.46
N GLN A 86 -0.94 21.71 -0.15
CA GLN A 86 -0.59 23.02 0.41
C GLN A 86 0.29 22.80 1.63
N GLU A 87 1.57 23.12 1.47
CA GLU A 87 2.53 22.97 2.54
C GLU A 87 2.91 24.34 3.07
N MET A 88 2.77 24.52 4.37
CA MET A 88 3.18 25.73 5.07
C MET A 88 4.00 25.37 6.31
N ALA A 89 4.46 26.37 7.05
CA ALA A 89 5.29 26.09 8.22
C ALA A 89 4.56 25.25 9.26
N ASN A 90 3.25 25.50 9.42
CA ASN A 90 2.53 24.91 10.54
C ASN A 90 1.33 24.05 10.13
N SER A 91 1.16 23.82 8.83
CA SER A 91 0.08 22.99 8.34
C SER A 91 0.44 22.38 7.00
N VAL A 92 -0.12 21.20 6.71
CA VAL A 92 0.10 20.53 5.45
C VAL A 92 -1.20 19.84 5.03
N TYR A 93 -1.59 20.04 3.78
CA TYR A 93 -2.79 19.40 3.23
C TYR A 93 -2.48 18.72 1.91
N LEU A 94 -3.01 17.51 1.73
CA LEU A 94 -2.96 16.83 0.44
C LEU A 94 -4.36 16.67 -0.09
N VAL A 95 -4.61 17.16 -1.30
CA VAL A 95 -5.91 16.98 -1.95
C VAL A 95 -5.76 15.82 -2.92
N MET A 96 -6.45 14.72 -2.59
CA MET A 96 -6.25 13.47 -3.31
C MET A 96 -7.47 13.00 -4.03
N GLU A 97 -7.24 12.22 -5.07
CA GLU A 97 -8.29 11.43 -5.69
C GLU A 97 -9.16 10.70 -4.66
N TYR A 98 -10.47 10.77 -4.83
CA TYR A 98 -11.38 10.00 -3.99
C TYR A 98 -11.62 8.62 -4.59
N CYS A 99 -11.31 7.62 -3.79
CA CYS A 99 -11.53 6.22 -4.17
C CYS A 99 -12.83 5.76 -3.54
N ASN A 100 -13.80 5.40 -4.36
CA ASN A 100 -15.17 5.20 -3.87
C ASN A 100 -15.52 3.78 -3.44
N GLY A 101 -14.50 2.93 -3.26
CA GLY A 101 -14.74 1.52 -2.99
C GLY A 101 -14.24 1.04 -1.63
N GLY A 102 -13.74 1.98 -0.82
CA GLY A 102 -13.16 1.60 0.47
C GLY A 102 -11.79 0.93 0.30
N ASP A 103 -11.34 0.20 1.31
CA ASP A 103 -10.03 -0.44 1.21
C ASP A 103 -10.09 -1.95 1.02
N LEU A 104 -8.96 -2.50 0.62
CA LEU A 104 -8.87 -3.92 0.32
C LEU A 104 -8.99 -4.78 1.59
N ALA A 105 -8.54 -4.26 2.73
CA ALA A 105 -8.68 -4.98 4.00
C ALA A 105 -10.14 -5.30 4.26
N ASP A 106 -10.99 -4.30 4.10
CA ASP A 106 -12.40 -4.53 4.36
C ASP A 106 -13.02 -5.44 3.29
N TYR A 107 -12.67 -5.21 2.03
CA TYR A 107 -13.27 -5.97 0.93
C TYR A 107 -12.93 -7.46 1.00
N LEU A 108 -11.66 -7.79 1.22
CA LEU A 108 -11.28 -9.19 1.23
C LEU A 108 -12.00 -9.89 2.39
N HIS A 109 -12.25 -9.16 3.48
CA HIS A 109 -12.98 -9.73 4.60
C HIS A 109 -14.49 -9.86 4.33
N ALA A 110 -15.10 -8.82 3.78
CA ALA A 110 -16.53 -8.89 3.47
C ALA A 110 -16.86 -10.04 2.52
N MET A 111 -15.95 -10.32 1.58
CA MET A 111 -16.15 -11.39 0.60
C MET A 111 -15.86 -12.78 1.13
N ARG A 112 -15.34 -12.87 2.36
CA ARG A 112 -14.86 -14.13 2.92
C ARG A 112 -13.71 -14.70 2.08
N THR A 113 -12.74 -13.83 1.82
CA THR A 113 -11.58 -14.04 0.94
C THR A 113 -12.00 -13.94 -0.52
N LEU A 114 -11.01 -13.76 -1.37
CA LEU A 114 -11.25 -13.44 -2.77
C LEU A 114 -10.91 -14.62 -3.67
N SER A 115 -11.63 -14.72 -4.78
CA SER A 115 -11.36 -15.75 -5.77
C SER A 115 -10.02 -15.53 -6.42
N GLU A 116 -9.44 -16.58 -6.99
CA GLU A 116 -8.15 -16.40 -7.64
C GLU A 116 -8.26 -15.43 -8.82
N ASP A 117 -9.40 -15.42 -9.51
CA ASP A 117 -9.57 -14.49 -10.63
C ASP A 117 -9.57 -13.04 -10.17
N THR A 118 -10.18 -12.78 -9.02
CA THR A 118 -10.20 -11.42 -8.48
C THR A 118 -8.81 -11.04 -7.99
N ILE A 119 -8.12 -11.98 -7.34
CA ILE A 119 -6.74 -11.75 -6.92
C ILE A 119 -5.86 -11.41 -8.14
N ARG A 120 -6.03 -12.14 -9.23
CA ARG A 120 -5.26 -11.84 -10.44
C ARG A 120 -5.54 -10.43 -10.95
N LEU A 121 -6.82 -10.09 -11.01
CA LEU A 121 -7.26 -8.78 -11.46
C LEU A 121 -6.59 -7.66 -10.66
N PHE A 122 -6.60 -7.82 -9.33
CA PHE A 122 -6.06 -6.79 -8.46
C PHE A 122 -4.53 -6.79 -8.52
N LEU A 123 -3.94 -7.98 -8.58
CA LEU A 123 -2.49 -8.07 -8.59
C LEU A 123 -1.90 -7.54 -9.90
N GLN A 124 -2.60 -7.72 -11.00
CA GLN A 124 -2.12 -7.13 -12.27
C GLN A 124 -2.00 -5.61 -12.12
N GLN A 125 -2.97 -5.02 -11.46
CA GLN A 125 -3.01 -3.56 -11.26
C GLN A 125 -1.92 -3.11 -10.31
N ILE A 126 -1.77 -3.82 -9.19
CA ILE A 126 -0.68 -3.51 -8.26
C ILE A 126 0.66 -3.64 -8.96
N ALA A 127 0.81 -4.68 -9.78
CA ALA A 127 2.06 -4.89 -10.51
C ALA A 127 2.36 -3.70 -11.44
N GLY A 128 1.34 -3.14 -12.08
CA GLY A 128 1.53 -1.97 -12.93
C GLY A 128 2.07 -0.78 -12.16
N ALA A 129 1.47 -0.49 -11.01
CA ALA A 129 1.96 0.57 -10.15
C ALA A 129 3.39 0.29 -9.68
N MET A 130 3.67 -0.97 -9.33
CA MET A 130 5.01 -1.30 -8.86
C MET A 130 6.06 -1.16 -9.96
N ARG A 131 5.66 -1.38 -11.22
CA ARG A 131 6.57 -1.17 -12.34
C ARG A 131 7.03 0.29 -12.37
N LEU A 132 6.09 1.20 -12.12
CA LEU A 132 6.42 2.61 -12.11
C LEU A 132 7.30 2.95 -10.91
N LEU A 133 6.95 2.46 -9.73
N LEU A 133 6.97 2.45 -9.73
CA LEU A 133 7.78 2.69 -8.55
CA LEU A 133 7.80 2.73 -8.57
C LEU A 133 9.20 2.20 -8.81
C LEU A 133 9.20 2.18 -8.79
N HIS A 134 9.30 0.98 -9.33
CA HIS A 134 10.61 0.39 -9.54
C HIS A 134 11.39 1.20 -10.57
N SER A 135 10.74 1.63 -11.63
CA SER A 135 11.45 2.40 -12.67
C SER A 135 11.92 3.77 -12.13
N LYS A 136 11.19 4.31 -11.17
CA LYS A 136 11.52 5.61 -10.60
C LYS A 136 12.49 5.49 -9.44
N GLY A 137 12.77 4.27 -8.98
CA GLY A 137 13.69 4.06 -7.88
C GLY A 137 13.08 4.35 -6.52
N ILE A 138 11.79 4.09 -6.39
CA ILE A 138 11.04 4.40 -5.19
C ILE A 138 10.57 3.11 -4.52
N ILE A 139 10.78 3.02 -3.20
CA ILE A 139 10.22 1.92 -2.43
C ILE A 139 9.15 2.49 -1.49
N HIS A 140 8.02 1.79 -1.37
CA HIS A 140 6.87 2.28 -0.63
C HIS A 140 6.95 2.07 0.87
N ARG A 141 7.24 0.82 1.27
CA ARG A 141 7.60 0.42 2.64
C ARG A 141 6.44 0.26 3.61
N ASP A 142 5.21 0.53 3.17
CA ASP A 142 4.06 0.28 4.04
C ASP A 142 2.90 -0.32 3.26
N LEU A 143 3.22 -1.25 2.36
CA LEU A 143 2.17 -1.93 1.60
C LEU A 143 1.45 -2.92 2.49
N LYS A 144 0.12 -2.81 2.51
CA LYS A 144 -0.76 -3.68 3.28
C LYS A 144 -2.16 -3.46 2.73
N PRO A 145 -3.10 -4.37 3.04
CA PRO A 145 -4.42 -4.23 2.42
C PRO A 145 -5.14 -2.94 2.82
N GLN A 146 -4.82 -2.41 4.00
CA GLN A 146 -5.40 -1.15 4.42
C GLN A 146 -4.97 0.03 3.56
N ASN A 147 -3.84 -0.12 2.86
CA ASN A 147 -3.31 0.94 2.01
C ASN A 147 -3.53 0.65 0.53
N ILE A 148 -4.36 -0.35 0.25
CA ILE A 148 -4.81 -0.57 -1.14
C ILE A 148 -6.27 -0.16 -1.21
N LEU A 149 -6.55 0.89 -1.99
CA LEU A 149 -7.92 1.38 -2.07
C LEU A 149 -8.61 0.92 -3.33
N LEU A 150 -9.93 0.77 -3.24
CA LEU A 150 -10.75 0.34 -4.36
C LEU A 150 -11.48 1.53 -4.96
N SER A 151 -11.72 1.49 -6.27
CA SER A 151 -12.59 2.50 -6.90
C SER A 151 -13.23 1.89 -8.14
N ASN A 152 -14.52 2.11 -8.32
CA ASN A 152 -15.20 1.55 -9.49
C ASN A 152 -15.69 2.72 -10.31
N PRO A 153 -15.20 2.81 -11.55
CA PRO A 153 -15.55 3.97 -12.37
C PRO A 153 -16.97 3.93 -12.92
N ALA A 154 -17.62 2.77 -12.83
CA ALA A 154 -18.97 2.60 -13.35
C ALA A 154 -20.05 3.05 -12.37
N GLY A 155 -21.29 2.91 -12.79
CA GLY A 155 -22.43 3.42 -12.03
C GLY A 155 -22.82 2.56 -10.83
N ARG A 156 -23.94 2.92 -10.21
CA ARG A 156 -24.45 2.17 -9.07
C ARG A 156 -24.70 0.70 -9.45
N ARG A 157 -24.31 -0.20 -8.54
CA ARG A 157 -24.52 -1.64 -8.71
C ARG A 157 -23.68 -2.23 -9.84
N ALA A 158 -22.63 -1.51 -10.26
CA ALA A 158 -21.81 -1.98 -11.36
C ALA A 158 -21.16 -3.31 -11.01
N ASN A 159 -20.82 -4.08 -12.05
CA ASN A 159 -20.12 -5.33 -11.91
C ASN A 159 -18.81 -5.14 -11.14
N PRO A 160 -18.58 -5.98 -10.11
CA PRO A 160 -17.34 -5.86 -9.33
C PRO A 160 -16.06 -6.20 -10.12
N ASN A 161 -16.22 -6.78 -11.31
CA ASN A 161 -15.09 -7.02 -12.21
C ASN A 161 -14.51 -5.70 -12.72
N SER A 162 -15.23 -4.61 -12.49
CA SER A 162 -14.76 -3.30 -12.94
C SER A 162 -14.00 -2.53 -11.86
N ILE A 163 -13.75 -3.19 -10.73
CA ILE A 163 -13.06 -2.54 -9.62
C ILE A 163 -11.59 -2.28 -9.96
N ARG A 164 -11.16 -1.04 -9.76
CA ARG A 164 -9.76 -0.67 -9.94
C ARG A 164 -9.12 -0.47 -8.57
N VAL A 165 -7.87 -0.91 -8.39
CA VAL A 165 -7.23 -0.74 -7.08
C VAL A 165 -6.08 0.23 -7.17
N LYS A 166 -5.84 0.94 -6.08
CA LYS A 166 -4.87 2.03 -6.08
C LYS A 166 -4.07 2.03 -4.81
N ILE A 167 -2.76 2.17 -4.96
CA ILE A 167 -1.86 2.20 -3.80
C ILE A 167 -1.90 3.58 -3.15
N ALA A 168 -2.10 3.59 -1.83
CA ALA A 168 -2.17 4.81 -1.03
C ALA A 168 -1.06 4.88 0.01
N ASP A 169 -0.94 6.07 0.61
CA ASP A 169 -0.14 6.32 1.82
C ASP A 169 1.35 6.11 1.60
N PHE A 170 1.95 7.08 0.91
CA PHE A 170 3.37 7.06 0.60
C PHE A 170 4.25 7.84 1.61
N GLY A 171 3.74 8.04 2.83
CA GLY A 171 4.49 8.79 3.83
C GLY A 171 5.79 8.15 4.28
N PHE A 172 5.90 6.83 4.15
CA PHE A 172 7.14 6.14 4.52
C PHE A 172 8.01 5.82 3.32
N ALA A 173 7.57 6.24 2.13
CA ALA A 173 8.29 5.93 0.92
C ALA A 173 9.58 6.72 0.81
N ARG A 174 10.54 6.18 0.08
CA ARG A 174 11.79 6.90 -0.19
C ARG A 174 12.35 6.53 -1.54
N TYR A 175 13.18 7.40 -2.11
CA TYR A 175 14.04 7.02 -3.20
C TYR A 175 15.15 6.15 -2.65
N LEU A 176 15.44 5.06 -3.36
CA LEU A 176 16.61 4.25 -3.01
C LEU A 176 17.46 4.04 -4.25
N GLN A 177 18.66 4.62 -4.24
CA GLN A 177 19.58 4.49 -5.35
C GLN A 177 19.93 3.01 -5.54
N SER A 178 20.07 2.61 -6.80
CA SER A 178 20.05 1.18 -7.12
C SER A 178 21.29 0.43 -6.62
N ASN A 179 22.35 1.14 -6.25
CA ASN A 179 23.52 0.49 -5.65
C ASN A 179 23.57 0.65 -4.13
N MET A 180 22.46 1.09 -3.54
N MET A 180 22.44 1.03 -3.54
CA MET A 180 22.40 1.31 -2.09
CA MET A 180 22.34 1.28 -2.11
C MET A 180 21.33 0.44 -1.43
C MET A 180 21.26 0.43 -1.44
N MET A 181 21.37 0.41 -0.10
N MET A 181 21.33 0.36 -0.11
CA MET A 181 20.37 -0.28 0.70
CA MET A 181 20.30 -0.33 0.67
C MET A 181 19.72 0.69 1.69
C MET A 181 19.76 0.58 1.77
N ALA A 182 18.49 0.40 2.08
CA ALA A 182 17.79 1.18 3.11
C ALA A 182 17.91 0.46 4.44
N ALA A 183 17.69 1.18 5.54
CA ALA A 183 17.80 0.52 6.85
C ALA A 183 16.83 1.10 7.88
N TPO A 184 15.94 2.10 7.40
CA TPO A 184 14.97 2.62 8.37
CB TPO A 184 14.32 3.88 7.80
CG2 TPO A 184 13.35 4.42 8.84
OG1 TPO A 184 15.34 4.86 7.62
P TPO A 184 15.54 5.33 6.09
O1P TPO A 184 15.71 4.11 5.14
O2P TPO A 184 16.90 6.20 6.15
O3P TPO A 184 14.39 6.22 5.69
C TPO A 184 13.91 1.59 8.73
O TPO A 184 13.27 0.97 7.89
N LEU A 185 13.75 1.45 10.12
CA LEU A 185 12.67 0.55 10.53
C LEU A 185 11.35 1.27 10.44
N CYS A 186 10.55 0.90 9.45
CA CYS A 186 9.24 1.49 9.29
C CYS A 186 8.34 0.52 8.55
N GLY A 187 7.04 0.75 8.63
CA GLY A 187 6.08 -0.14 8.03
C GLY A 187 5.15 -0.69 9.09
N SER A 188 4.48 -1.77 8.76
CA SER A 188 3.54 -2.40 9.66
C SER A 188 4.04 -3.82 9.92
N PRO A 189 4.25 -4.18 11.18
CA PRO A 189 4.99 -5.40 11.51
C PRO A 189 4.45 -6.66 10.84
N MET A 190 3.14 -6.78 10.72
CA MET A 190 2.55 -7.97 10.15
C MET A 190 2.85 -8.14 8.67
N TYR A 191 3.24 -7.04 8.02
CA TYR A 191 3.48 -7.02 6.58
C TYR A 191 4.94 -6.72 6.22
N MET A 192 5.76 -6.42 7.22
CA MET A 192 7.20 -6.16 7.08
C MET A 192 8.02 -7.37 6.65
N ALA A 193 8.90 -7.21 5.68
CA ALA A 193 9.85 -8.29 5.36
C ALA A 193 10.74 -8.63 6.56
N PRO A 194 11.16 -9.90 6.68
CA PRO A 194 11.98 -10.31 7.83
C PRO A 194 13.22 -9.43 8.00
N GLU A 195 13.90 -9.06 6.91
CA GLU A 195 15.09 -8.26 7.03
C GLU A 195 14.79 -6.86 7.60
N VAL A 196 13.58 -6.35 7.35
CA VAL A 196 13.21 -5.04 7.91
C VAL A 196 12.99 -5.16 9.42
N ILE A 197 12.19 -6.13 9.84
CA ILE A 197 11.86 -6.23 11.25
C ILE A 197 13.07 -6.67 12.09
N MET A 198 14.05 -7.29 11.43
CA MET A 198 15.30 -7.65 12.11
C MET A 198 16.36 -6.56 12.04
N SER A 199 15.96 -5.37 11.58
CA SER A 199 16.83 -4.19 11.58
C SER A 199 18.06 -4.35 10.69
N GLN A 200 17.89 -5.10 9.62
CA GLN A 200 18.94 -5.33 8.64
C GLN A 200 18.73 -4.38 7.47
N HIS A 201 19.70 -4.35 6.56
CA HIS A 201 19.52 -3.56 5.34
C HIS A 201 18.58 -4.26 4.37
N TYR A 202 17.92 -3.47 3.55
CA TYR A 202 16.96 -4.03 2.62
C TYR A 202 16.82 -3.17 1.38
N ASP A 203 16.16 -3.70 0.37
CA ASP A 203 15.90 -2.94 -0.84
C ASP A 203 14.45 -3.12 -1.30
N GLY A 204 14.21 -2.95 -2.59
CA GLY A 204 12.86 -3.08 -3.15
C GLY A 204 12.23 -4.45 -2.93
N LYS A 205 13.05 -5.47 -2.68
CA LYS A 205 12.46 -6.79 -2.44
C LYS A 205 11.65 -6.83 -1.16
N ALA A 206 11.87 -5.88 -0.24
CA ALA A 206 11.01 -5.81 0.94
C ALA A 206 9.56 -5.51 0.55
N ASP A 207 9.34 -4.64 -0.43
CA ASP A 207 7.99 -4.38 -0.91
C ASP A 207 7.38 -5.65 -1.53
N LEU A 208 8.20 -6.46 -2.20
CA LEU A 208 7.67 -7.68 -2.81
C LEU A 208 7.22 -8.66 -1.72
N TRP A 209 7.92 -8.73 -0.60
CA TRP A 209 7.44 -9.54 0.52
C TRP A 209 6.08 -9.05 0.95
N SER A 210 5.94 -7.74 1.14
CA SER A 210 4.68 -7.17 1.57
C SER A 210 3.54 -7.51 0.61
N ILE A 211 3.83 -7.41 -0.68
CA ILE A 211 2.85 -7.81 -1.71
C ILE A 211 2.46 -9.28 -1.58
N GLY A 212 3.44 -10.14 -1.31
CA GLY A 212 3.14 -11.53 -1.02
C GLY A 212 2.19 -11.68 0.15
N THR A 213 2.40 -10.91 1.21
CA THR A 213 1.51 -11.00 2.37
C THR A 213 0.13 -10.50 2.04
N ILE A 214 0.02 -9.46 1.21
CA ILE A 214 -1.29 -8.98 0.76
C ILE A 214 -2.04 -10.08 -0.01
N VAL A 215 -1.34 -10.73 -0.93
CA VAL A 215 -1.95 -11.80 -1.72
C VAL A 215 -2.38 -12.94 -0.79
N TYR A 216 -1.51 -13.30 0.14
CA TYR A 216 -1.83 -14.34 1.09
C TYR A 216 -3.09 -13.97 1.89
N GLN A 217 -3.19 -12.73 2.34
CA GLN A 217 -4.37 -12.36 3.11
C GLN A 217 -5.63 -12.34 2.24
N CYS A 218 -5.49 -11.95 0.97
CA CYS A 218 -6.65 -11.99 0.09
C CYS A 218 -7.19 -13.40 -0.06
N LEU A 219 -6.28 -14.37 -0.04
CA LEU A 219 -6.62 -15.78 -0.22
C LEU A 219 -7.20 -16.43 1.03
N THR A 220 -6.69 -16.05 2.21
CA THR A 220 -6.98 -16.79 3.44
C THR A 220 -7.72 -15.98 4.50
N GLY A 221 -7.65 -14.65 4.38
CA GLY A 221 -8.20 -13.76 5.39
C GLY A 221 -7.22 -13.42 6.49
N LYS A 222 -6.12 -14.15 6.57
CA LYS A 222 -5.16 -13.97 7.65
C LYS A 222 -3.76 -13.65 7.16
N ALA A 223 -2.92 -13.18 8.08
CA ALA A 223 -1.50 -12.95 7.81
C ALA A 223 -0.80 -14.30 7.77
N PRO A 224 0.25 -14.42 6.94
CA PRO A 224 0.92 -15.71 6.72
C PRO A 224 1.70 -16.23 7.92
N PHE A 225 2.14 -15.35 8.80
CA PHE A 225 2.89 -15.82 9.96
C PHE A 225 2.35 -15.18 11.23
N GLN A 226 1.80 -16.04 12.07
CA GLN A 226 1.21 -15.58 13.31
C GLN A 226 2.16 -15.74 14.48
N ALA A 227 2.45 -14.62 15.12
CA ALA A 227 3.13 -14.59 16.39
C ALA A 227 2.28 -13.77 17.33
N SER A 228 2.43 -13.98 18.63
CA SER A 228 1.62 -13.26 19.61
C SER A 228 1.88 -11.77 19.51
N SER A 229 3.11 -11.40 19.18
CA SER A 229 3.54 -10.01 19.16
C SER A 229 4.60 -9.75 18.08
N PRO A 230 4.99 -8.48 17.90
CA PRO A 230 6.05 -8.14 16.94
C PRO A 230 7.40 -8.68 17.39
N GLN A 231 7.65 -8.67 18.70
CA GLN A 231 8.88 -9.26 19.22
C GLN A 231 8.88 -10.76 18.96
N ASP A 232 7.72 -11.39 19.16
CA ASP A 232 7.56 -12.81 18.88
C ASP A 232 7.80 -13.06 17.39
N LEU A 233 7.24 -12.19 16.55
CA LEU A 233 7.40 -12.33 15.10
C LEU A 233 8.86 -12.21 14.69
N ARG A 234 9.55 -11.22 15.24
CA ARG A 234 10.97 -11.03 14.98
C ARG A 234 11.81 -12.23 15.45
N LEU A 235 11.57 -12.69 16.67
CA LEU A 235 12.26 -13.89 17.17
C LEU A 235 11.94 -15.08 16.28
N PHE A 236 10.72 -15.11 15.77
CA PHE A 236 10.29 -16.19 14.89
C PHE A 236 11.12 -16.22 13.61
N TYR A 237 11.30 -15.07 12.97
CA TYR A 237 12.13 -14.99 11.77
C TYR A 237 13.60 -15.32 12.04
N GLU A 238 14.09 -14.86 13.19
CA GLU A 238 15.48 -15.11 13.56
C GLU A 238 15.73 -16.60 13.75
N LYS A 239 14.78 -17.26 14.41
CA LYS A 239 14.92 -18.68 14.75
C LYS A 239 14.63 -19.63 13.59
N ASN A 240 13.82 -19.18 12.63
CA ASN A 240 13.43 -20.05 11.53
C ASN A 240 13.98 -19.58 10.18
N LYS A 241 14.97 -20.31 9.68
CA LYS A 241 15.66 -19.91 8.45
C LYS A 241 14.89 -20.27 7.19
N THR A 242 13.98 -21.24 7.30
CA THR A 242 13.11 -21.58 6.18
C THR A 242 11.65 -21.38 6.58
N LEU A 243 11.01 -20.37 6.00
CA LEU A 243 9.62 -20.07 6.33
C LEU A 243 8.68 -20.66 5.29
N VAL A 244 7.65 -21.38 5.75
CA VAL A 244 6.64 -21.87 4.83
C VAL A 244 5.22 -21.57 5.36
N PRO A 245 4.54 -20.64 4.69
CA PRO A 245 3.19 -20.24 5.08
C PRO A 245 2.18 -21.34 4.79
N THR A 246 1.14 -21.41 5.60
CA THR A 246 0.06 -22.37 5.41
C THR A 246 -0.84 -21.86 4.29
N ILE A 247 -0.82 -22.56 3.17
CA ILE A 247 -1.59 -22.18 1.99
C ILE A 247 -2.66 -23.24 1.75
N PRO A 248 -3.91 -22.82 1.53
CA PRO A 248 -4.99 -23.80 1.36
C PRO A 248 -4.66 -24.81 0.28
N ARG A 249 -4.98 -26.07 0.51
CA ARG A 249 -4.53 -27.10 -0.41
C ARG A 249 -5.12 -26.97 -1.82
N GLU A 250 -6.31 -26.37 -1.94
CA GLU A 250 -6.96 -26.28 -3.24
C GLU A 250 -6.43 -25.10 -4.10
N THR A 251 -5.55 -24.27 -3.53
CA THR A 251 -4.93 -23.16 -4.24
C THR A 251 -4.26 -23.66 -5.52
N SER A 252 -4.41 -22.92 -6.63
CA SER A 252 -3.80 -23.37 -7.89
C SER A 252 -2.28 -23.40 -7.77
N ALA A 253 -1.64 -24.32 -8.48
CA ALA A 253 -0.19 -24.44 -8.34
C ALA A 253 0.53 -23.13 -8.73
N PRO A 254 0.09 -22.44 -9.80
CA PRO A 254 0.85 -21.21 -10.12
C PRO A 254 0.68 -20.11 -9.06
N LEU A 255 -0.49 -20.00 -8.44
CA LEU A 255 -0.66 -18.98 -7.41
C LEU A 255 0.14 -19.38 -6.18
N ARG A 256 0.13 -20.67 -5.85
CA ARG A 256 0.94 -21.12 -4.72
C ARG A 256 2.42 -20.86 -4.95
N GLN A 257 2.89 -21.11 -6.17
CA GLN A 257 4.30 -20.90 -6.48
C GLN A 257 4.67 -19.42 -6.35
N LEU A 258 3.80 -18.55 -6.88
CA LEU A 258 4.00 -17.11 -6.75
C LEU A 258 4.09 -16.70 -5.28
N LEU A 259 3.18 -17.19 -4.47
CA LEU A 259 3.21 -16.89 -3.03
C LEU A 259 4.49 -17.35 -2.36
N LEU A 260 4.91 -18.59 -2.65
CA LEU A 260 6.11 -19.11 -2.02
C LEU A 260 7.34 -18.34 -2.47
N ALA A 261 7.31 -17.81 -3.68
CA ALA A 261 8.46 -17.11 -4.25
C ALA A 261 8.60 -15.71 -3.62
N LEU A 262 7.47 -15.07 -3.38
CA LEU A 262 7.45 -13.74 -2.75
C LEU A 262 7.74 -13.83 -1.27
N LEU A 263 7.26 -14.90 -0.63
CA LEU A 263 7.40 -15.04 0.82
C LEU A 263 8.64 -15.87 1.20
N GLN A 264 9.74 -15.65 0.47
CA GLN A 264 11.03 -16.22 0.83
C GLN A 264 11.66 -15.41 1.97
N ARG A 265 12.08 -16.10 3.03
CA ARG A 265 12.66 -15.42 4.18
C ARG A 265 13.89 -14.61 3.83
N ASN A 266 14.77 -15.21 3.05
CA ASN A 266 16.02 -14.58 2.71
C ASN A 266 15.87 -13.80 1.42
N HIS A 267 16.22 -12.52 1.45
CA HIS A 267 15.89 -11.68 0.32
C HIS A 267 16.69 -12.10 -0.92
N LYS A 268 17.84 -12.73 -0.73
CA LYS A 268 18.63 -13.23 -1.86
C LYS A 268 17.82 -14.20 -2.72
N ASP A 269 17.04 -15.05 -2.06
CA ASP A 269 16.26 -16.07 -2.75
C ASP A 269 14.88 -15.59 -3.19
N ARG A 270 14.46 -14.44 -2.67
CA ARG A 270 13.13 -13.94 -2.94
C ARG A 270 12.99 -13.50 -4.40
N MET A 271 11.80 -13.67 -4.92
CA MET A 271 11.43 -13.18 -6.25
C MET A 271 11.88 -11.73 -6.44
N ASP A 272 12.49 -11.42 -7.59
CA ASP A 272 12.82 -10.03 -7.88
C ASP A 272 11.75 -9.43 -8.78
N PHE A 273 11.93 -8.17 -9.16
CA PHE A 273 10.87 -7.44 -9.88
C PHE A 273 10.56 -8.01 -11.24
N ASP A 274 11.59 -8.29 -12.03
CA ASP A 274 11.34 -8.84 -13.37
C ASP A 274 10.57 -10.17 -13.30
N GLU A 275 10.94 -11.01 -12.34
CA GLU A 275 10.29 -12.30 -12.17
C GLU A 275 8.82 -12.12 -11.78
N PHE A 276 8.57 -11.15 -10.91
CA PHE A 276 7.21 -10.82 -10.47
C PHE A 276 6.35 -10.32 -11.64
N PHE A 277 6.87 -9.33 -12.37
CA PHE A 277 6.14 -8.69 -13.45
C PHE A 277 5.75 -9.70 -14.52
N HIS A 278 6.60 -10.70 -14.73
CA HIS A 278 6.38 -11.64 -15.82
C HIS A 278 5.88 -12.99 -15.33
N HIS A 279 5.45 -13.06 -14.08
CA HIS A 279 4.92 -14.32 -13.58
C HIS A 279 3.65 -14.71 -14.31
N PRO A 280 3.52 -15.98 -14.71
CA PRO A 280 2.38 -16.39 -15.52
C PRO A 280 1.02 -16.19 -14.85
N PHE A 281 0.96 -16.21 -13.52
CA PHE A 281 -0.31 -15.97 -12.84
C PHE A 281 -0.88 -14.61 -13.23
N LEU A 282 0.00 -13.66 -13.55
CA LEU A 282 -0.38 -12.30 -13.88
C LEU A 282 -0.68 -12.08 -15.36
N ASP A 283 -0.49 -13.10 -16.19
CA ASP A 283 -0.82 -12.98 -17.60
C ASP A 283 -2.34 -12.90 -17.72
N ALA A 284 -2.93 -11.87 -18.36
CA ALA A 284 -2.29 -10.84 -19.20
C ALA A 284 -2.15 -11.32 -20.65
C13 3RF B . -13.79 5.46 0.73
C15 3RF B . -15.17 4.06 2.18
C17 3RF B . -11.39 5.92 1.42
C22 3RF B . -8.10 8.61 -0.19
C24 3RF B . -5.91 8.25 0.37
C26 3RF B . -8.90 7.82 0.66
N01 3RF B . -4.83 7.80 4.54
C02 3RF B . -6.05 7.06 4.48
C03 3RF B . -7.09 7.37 5.35
C04 3RF B . -8.28 6.63 5.30
C05 3RF B . -6.16 6.02 3.58
C06 3RF B . -7.34 5.27 3.52
C07 3RF B . -8.38 5.60 4.37
N08 3RF B . -9.58 4.82 4.34
C09 3RF B . -10.60 5.02 3.37
N10 3RF B . -11.76 4.44 3.62
C11 3RF B . -12.83 4.56 2.76
C12 3RF B . -12.69 5.31 1.61
C14 3RF B . -15.02 4.83 1.01
C16 3RF B . -14.09 3.93 3.07
N18 3RF B . -11.22 6.68 0.24
C19 3RF B . -10.06 7.46 -0.06
N20 3RF B . -9.99 8.02 -1.29
N21 3RF B . -8.81 8.70 -1.32
C23 3RF B . -6.73 9.40 -0.19
C25 3RF B . -6.47 9.29 1.32
N27 3RF B . -10.38 5.77 2.29
H131 3RF B . -13.68 5.99 -0.08
H151 3RF B . -16.02 3.64 2.37
H241 3RF B . -6.36 7.39 0.40
H242 3RF B . -4.94 8.31 0.22
H261 3RF B . -8.68 7.55 1.57
H011 3RF B . -4.44 8.10 3.75
H012 3RF B . -4.43 7.99 5.34
H031 3RF B . -7.00 8.12 6.00
H041 3RF B . -9.02 6.84 5.91
H051 3RF B . -5.41 5.81 2.97
H061 3RF B . -7.44 4.54 2.88
H081 3RF B . -9.69 4.16 4.96
H141 3RF B . -15.77 4.94 0.39
H161 3RF B . -14.19 3.39 3.88
H181 3RF B . -11.91 6.68 -0.37
H211 3RF B . -8.52 9.17 -2.06
H231 3RF B . -6.82 10.02 -0.95
H251 3RF B . -7.23 9.01 1.86
H252 3RF B . -5.81 9.93 1.69
#